data_1V5A
#
_entry.id   1V5A
#
_entity_poly.entity_id   1
_entity_poly.type   'polypeptide(L)'
_entity_poly.pdbx_seq_one_letter_code
;RCLPSGKACAGVTQKIPCCGSCVRGKCS
;
_entity_poly.pdbx_strand_id   A
#
# COMPACT_ATOMS: atom_id res chain seq x y z
N ARG A 1 -3.57 6.22 8.25
CA ARG A 1 -2.43 6.55 7.35
C ARG A 1 -2.41 5.61 6.14
N CYS A 2 -3.41 4.79 6.01
CA CYS A 2 -3.47 3.86 4.85
C CYS A 2 -3.03 4.58 3.58
N LEU A 3 -2.40 3.89 2.68
CA LEU A 3 -1.93 4.55 1.42
C LEU A 3 -3.01 4.44 0.35
N PRO A 4 -3.33 5.57 -0.24
CA PRO A 4 -4.35 5.61 -1.31
C PRO A 4 -3.75 5.03 -2.59
N SER A 5 -4.53 4.29 -3.34
CA SER A 5 -3.99 3.69 -4.61
C SER A 5 -3.09 4.69 -5.34
N GLY A 6 -2.25 4.20 -6.21
CA GLY A 6 -1.34 5.11 -6.96
C GLY A 6 -0.02 5.30 -6.21
N LYS A 7 0.25 4.45 -5.26
CA LYS A 7 1.53 4.59 -4.49
C LYS A 7 2.31 3.28 -4.56
N ALA A 8 3.58 3.31 -4.24
CA ALA A 8 4.38 2.06 -4.29
C ALA A 8 4.41 1.38 -2.91
N CYS A 9 3.49 0.48 -2.66
CA CYS A 9 3.48 -0.20 -1.34
C CYS A 9 4.49 -1.35 -1.34
N ALA A 10 5.70 -1.07 -0.94
CA ALA A 10 6.76 -2.14 -0.93
C ALA A 10 7.34 -2.27 0.47
N GLY A 11 6.58 -2.80 1.39
CA GLY A 11 7.08 -2.96 2.78
C GLY A 11 5.96 -3.49 3.65
N VAL A 12 5.51 -4.69 3.40
CA VAL A 12 4.41 -5.29 4.21
C VAL A 12 4.58 -4.91 5.69
N THR A 13 5.79 -4.71 6.12
CA THR A 13 6.02 -4.33 7.54
C THR A 13 5.98 -2.80 7.68
N GLN A 14 5.10 -2.16 6.97
CA GLN A 14 5.01 -0.67 7.04
C GLN A 14 4.08 -0.27 8.17
N LYS A 15 3.88 1.00 8.36
CA LYS A 15 2.98 1.47 9.45
C LYS A 15 1.52 1.14 9.11
N ILE A 16 1.14 1.37 7.89
CA ILE A 16 -0.27 1.06 7.48
C ILE A 16 -0.29 0.48 6.07
N PRO A 17 -1.13 -0.50 5.89
CA PRO A 17 -1.27 -1.18 4.58
C PRO A 17 -2.03 -0.30 3.58
N CYS A 18 -2.28 -0.82 2.42
CA CYS A 18 -3.02 -0.03 1.39
C CYS A 18 -4.47 0.20 1.84
N CYS A 19 -4.87 1.44 1.92
CA CYS A 19 -6.28 1.75 2.32
C CYS A 19 -7.17 0.81 1.55
N GLY A 20 -6.74 0.47 0.38
CA GLY A 20 -7.49 -0.49 -0.45
C GLY A 20 -6.75 -1.82 -0.33
N SER A 21 -6.06 -2.24 -1.35
CA SER A 21 -5.28 -3.50 -1.25
C SER A 21 -3.95 -3.35 -2.00
N CYS A 22 -2.85 -3.56 -1.35
CA CYS A 22 -1.53 -3.42 -2.04
C CYS A 22 -1.25 -4.66 -2.91
N VAL A 23 -1.14 -4.47 -4.19
CA VAL A 23 -0.84 -5.62 -5.09
C VAL A 23 0.23 -5.23 -6.09
N ARG A 24 1.11 -6.14 -6.39
CA ARG A 24 2.21 -5.86 -7.35
C ARG A 24 3.05 -4.69 -6.84
N GLY A 25 3.21 -4.62 -5.56
CA GLY A 25 4.02 -3.54 -4.96
C GLY A 25 3.39 -2.20 -5.33
N LYS A 26 2.11 -2.21 -5.54
CA LYS A 26 1.43 -0.96 -5.91
C LYS A 26 0.06 -0.84 -5.22
N CYS A 27 -0.11 0.13 -4.37
CA CYS A 27 -1.40 0.31 -3.67
C CYS A 27 -2.53 0.36 -4.71
N SER A 28 -3.39 -0.62 -4.72
CA SER A 28 -4.50 -0.62 -5.70
C SER A 28 -5.85 -0.40 -4.99
N ARG A 1 -3.39 4.81 9.44
CA ARG A 1 -3.64 5.46 8.12
C ARG A 1 -3.45 4.45 6.98
N CYS A 2 -3.49 4.90 5.76
CA CYS A 2 -3.32 3.96 4.61
C CYS A 2 -2.96 4.74 3.34
N LEU A 3 -2.11 4.18 2.52
CA LEU A 3 -1.71 4.88 1.27
C LEU A 3 -2.77 4.69 0.19
N PRO A 4 -3.08 5.77 -0.49
CA PRO A 4 -4.09 5.73 -1.56
C PRO A 4 -3.49 5.10 -2.82
N SER A 5 -4.29 4.45 -3.61
CA SER A 5 -3.76 3.81 -4.85
C SER A 5 -2.74 4.72 -5.54
N GLY A 6 -1.89 4.16 -6.35
CA GLY A 6 -0.87 5.00 -7.05
C GLY A 6 0.37 5.14 -6.16
N LYS A 7 0.52 4.27 -5.20
CA LYS A 7 1.71 4.36 -4.30
C LYS A 7 2.23 2.96 -3.99
N ALA A 8 3.16 2.86 -3.09
CA ALA A 8 3.70 1.52 -2.74
C ALA A 8 2.69 0.80 -1.83
N CYS A 9 2.85 -0.48 -1.63
CA CYS A 9 1.87 -1.20 -0.76
C CYS A 9 2.55 -2.34 0.00
N ALA A 10 3.69 -2.09 0.57
CA ALA A 10 4.38 -3.18 1.34
C ALA A 10 4.21 -2.95 2.84
N GLY A 11 2.99 -2.95 3.30
CA GLY A 11 2.74 -2.71 4.75
C GLY A 11 3.55 -3.71 5.59
N VAL A 12 4.00 -4.78 5.00
CA VAL A 12 4.79 -5.78 5.78
C VAL A 12 5.95 -5.07 6.47
N THR A 13 6.58 -4.17 5.77
CA THR A 13 7.72 -3.42 6.36
C THR A 13 7.39 -1.92 6.40
N GLN A 14 6.17 -1.56 6.11
CA GLN A 14 5.77 -0.12 6.13
C GLN A 14 4.94 0.18 7.39
N LYS A 15 4.83 1.43 7.74
CA LYS A 15 4.03 1.79 8.93
C LYS A 15 2.55 1.94 8.53
N ILE A 16 2.30 2.05 7.26
CA ILE A 16 0.89 2.20 6.79
C ILE A 16 0.69 1.38 5.51
N PRO A 17 -0.18 0.41 5.60
CA PRO A 17 -0.47 -0.48 4.44
C PRO A 17 -1.36 0.23 3.41
N CYS A 18 -1.53 -0.37 2.26
CA CYS A 18 -2.39 0.25 1.20
C CYS A 18 -3.87 0.20 1.64
N CYS A 19 -4.47 1.36 1.77
CA CYS A 19 -5.90 1.43 2.19
C CYS A 19 -6.66 0.41 1.37
N GLY A 20 -6.23 0.22 0.18
CA GLY A 20 -6.86 -0.80 -0.69
C GLY A 20 -6.04 -2.07 -0.53
N SER A 21 -5.35 -2.48 -1.53
CA SER A 21 -4.49 -3.69 -1.38
C SER A 21 -3.19 -3.51 -2.14
N CYS A 22 -2.27 -4.41 -2.00
CA CYS A 22 -0.97 -4.27 -2.71
C CYS A 22 -0.98 -5.06 -4.02
N VAL A 23 -1.07 -4.37 -5.12
CA VAL A 23 -1.07 -5.07 -6.44
C VAL A 23 0.07 -4.54 -7.32
N ARG A 24 0.92 -5.42 -7.77
CA ARG A 24 2.06 -4.99 -8.61
C ARG A 24 2.99 -4.10 -7.79
N GLY A 25 3.02 -4.36 -6.52
CA GLY A 25 3.89 -3.57 -5.60
C GLY A 25 3.32 -2.16 -5.49
N LYS A 26 2.09 -1.97 -5.84
CA LYS A 26 1.50 -0.61 -5.75
C LYS A 26 0.04 -0.65 -5.27
N CYS A 27 -0.29 0.13 -4.28
CA CYS A 27 -1.69 0.18 -3.78
C CYS A 27 -2.65 0.26 -4.97
N SER A 28 -3.43 -0.76 -5.20
CA SER A 28 -4.37 -0.73 -6.35
C SER A 28 -5.07 0.63 -6.45
N ARG A 1 -2.54 6.51 8.11
CA ARG A 1 -3.65 5.51 8.24
C ARG A 1 -3.61 4.52 7.07
N CYS A 2 -3.38 5.01 5.88
CA CYS A 2 -3.33 4.10 4.70
C CYS A 2 -2.98 4.89 3.44
N LEU A 3 -2.26 4.29 2.55
CA LEU A 3 -1.86 4.99 1.30
C LEU A 3 -2.93 4.82 0.23
N PRO A 4 -3.29 5.91 -0.38
CA PRO A 4 -4.31 5.88 -1.45
C PRO A 4 -3.70 5.26 -2.70
N SER A 5 -4.45 4.44 -3.39
CA SER A 5 -3.90 3.78 -4.61
C SER A 5 -3.03 4.75 -5.41
N GLY A 6 -2.21 4.24 -6.28
CA GLY A 6 -1.33 5.13 -7.08
C GLY A 6 -0.01 5.34 -6.35
N LYS A 7 0.29 4.49 -5.40
CA LYS A 7 1.57 4.63 -4.65
C LYS A 7 2.06 3.26 -4.19
N ALA A 8 3.34 3.07 -4.14
CA ALA A 8 3.87 1.74 -3.69
C ALA A 8 3.10 1.24 -2.47
N CYS A 9 3.24 -0.01 -2.14
CA CYS A 9 2.49 -0.55 -0.96
C CYS A 9 3.37 -1.53 -0.18
N ALA A 10 4.46 -1.08 0.37
CA ALA A 10 5.34 -2.01 1.13
C ALA A 10 4.87 -2.09 2.59
N GLY A 11 3.64 -2.46 2.78
CA GLY A 11 3.10 -2.57 4.17
C GLY A 11 3.70 -3.78 4.86
N VAL A 12 4.38 -4.63 4.13
CA VAL A 12 5.00 -5.83 4.77
C VAL A 12 5.86 -5.39 5.96
N THR A 13 6.47 -4.25 5.85
CA THR A 13 7.31 -3.73 6.97
C THR A 13 6.86 -2.32 7.35
N GLN A 14 6.28 -1.60 6.42
CA GLN A 14 5.80 -0.22 6.73
C GLN A 14 4.70 -0.27 7.79
N LYS A 15 4.39 0.84 8.40
CA LYS A 15 3.33 0.86 9.45
C LYS A 15 1.95 1.03 8.80
N ILE A 16 1.87 1.85 7.80
CA ILE A 16 0.54 2.07 7.14
C ILE A 16 0.52 1.41 5.76
N PRO A 17 -0.22 0.34 5.66
CA PRO A 17 -0.32 -0.41 4.38
C PRO A 17 -1.24 0.30 3.38
N CYS A 18 -1.33 -0.22 2.19
CA CYS A 18 -2.21 0.41 1.15
C CYS A 18 -3.68 0.38 1.58
N CYS A 19 -4.27 1.55 1.70
CA CYS A 19 -5.71 1.65 2.10
C CYS A 19 -6.47 0.61 1.30
N GLY A 20 -6.04 0.40 0.11
CA GLY A 20 -6.66 -0.62 -0.75
C GLY A 20 -5.87 -1.90 -0.53
N SER A 21 -5.18 -2.35 -1.51
CA SER A 21 -4.35 -3.56 -1.30
C SER A 21 -3.02 -3.43 -2.06
N CYS A 22 -2.05 -4.20 -1.70
CA CYS A 22 -0.74 -4.11 -2.40
C CYS A 22 -0.68 -5.12 -3.54
N VAL A 23 -1.12 -4.75 -4.71
CA VAL A 23 -1.07 -5.69 -5.86
C VAL A 23 -0.04 -5.20 -6.88
N ARG A 24 0.81 -6.08 -7.32
CA ARG A 24 1.85 -5.68 -8.31
C ARG A 24 2.79 -4.67 -7.66
N GLY A 25 3.00 -4.82 -6.40
CA GLY A 25 3.90 -3.90 -5.65
C GLY A 25 3.31 -2.50 -5.69
N LYS A 26 2.02 -2.40 -5.93
CA LYS A 26 1.41 -1.06 -6.00
C LYS A 26 0.02 -1.05 -5.33
N CYS A 27 -0.30 0.01 -4.65
CA CYS A 27 -1.62 0.12 -3.97
C CYS A 27 -2.72 0.23 -5.03
N SER A 28 -3.32 -0.88 -5.38
CA SER A 28 -4.40 -0.85 -6.40
C SER A 28 -5.35 0.32 -6.14
N ARG A 1 -4.42 5.67 8.53
CA ARG A 1 -3.16 4.85 8.44
C ARG A 1 -3.20 3.99 7.18
N CYS A 2 -3.22 4.59 6.02
CA CYS A 2 -3.24 3.82 4.76
C CYS A 2 -2.87 4.70 3.58
N LEU A 3 -2.28 4.12 2.57
CA LEU A 3 -1.87 4.92 1.38
C LEU A 3 -2.92 4.79 0.28
N PRO A 4 -3.21 5.91 -0.32
CA PRO A 4 -4.21 5.93 -1.42
C PRO A 4 -3.59 5.28 -2.66
N SER A 5 -4.32 4.43 -3.32
CA SER A 5 -3.76 3.75 -4.53
C SER A 5 -2.92 4.73 -5.36
N GLY A 6 -2.09 4.23 -6.22
CA GLY A 6 -1.24 5.12 -7.04
C GLY A 6 0.09 5.33 -6.32
N LYS A 7 0.40 4.49 -5.37
CA LYS A 7 1.67 4.63 -4.62
C LYS A 7 2.14 3.26 -4.14
N ALA A 8 3.42 3.05 -4.07
CA ALA A 8 3.94 1.72 -3.62
C ALA A 8 3.09 1.20 -2.45
N CYS A 9 3.14 -0.08 -2.19
CA CYS A 9 2.33 -0.63 -1.08
C CYS A 9 3.16 -1.58 -0.21
N ALA A 10 4.14 -1.07 0.48
CA ALA A 10 4.97 -1.94 1.36
C ALA A 10 4.36 -1.98 2.76
N GLY A 11 3.15 -2.46 2.86
CA GLY A 11 2.47 -2.52 4.17
C GLY A 11 2.99 -3.70 4.98
N VAL A 12 3.76 -4.57 4.38
CA VAL A 12 4.29 -5.74 5.14
C VAL A 12 5.50 -5.33 5.98
N THR A 13 6.05 -4.17 5.73
CA THR A 13 7.24 -3.73 6.51
C THR A 13 7.08 -2.28 7.00
N GLN A 14 6.18 -1.53 6.42
CA GLN A 14 6.00 -0.11 6.87
C GLN A 14 4.82 0.00 7.83
N LYS A 15 4.57 1.17 8.34
CA LYS A 15 3.43 1.34 9.29
C LYS A 15 2.13 1.66 8.54
N ILE A 16 2.23 2.26 7.39
CA ILE A 16 1.00 2.60 6.61
C ILE A 16 0.81 1.62 5.45
N PRO A 17 -0.11 0.70 5.64
CA PRO A 17 -0.41 -0.32 4.61
C PRO A 17 -1.23 0.31 3.48
N CYS A 18 -1.45 -0.41 2.40
CA CYS A 18 -2.24 0.13 1.26
C CYS A 18 -3.73 0.20 1.65
N CYS A 19 -4.27 1.38 1.70
CA CYS A 19 -5.70 1.55 2.05
C CYS A 19 -6.50 0.54 1.24
N GLY A 20 -6.02 0.29 0.06
CA GLY A 20 -6.68 -0.73 -0.78
C GLY A 20 -5.89 -2.01 -0.59
N SER A 21 -5.18 -2.44 -1.58
CA SER A 21 -4.37 -3.66 -1.40
C SER A 21 -3.04 -3.50 -2.13
N CYS A 22 -2.08 -4.32 -1.85
CA CYS A 22 -0.76 -4.18 -2.54
C CYS A 22 -0.64 -5.17 -3.69
N VAL A 23 -1.01 -4.77 -4.88
CA VAL A 23 -0.91 -5.70 -6.05
C VAL A 23 0.21 -5.25 -6.98
N ARG A 24 1.00 -6.18 -7.41
CA ARG A 24 2.13 -5.86 -8.33
C ARG A 24 3.03 -4.78 -7.74
N GLY A 25 3.15 -4.80 -6.45
CA GLY A 25 4.02 -3.81 -5.75
C GLY A 25 3.40 -2.42 -5.83
N LYS A 26 2.10 -2.35 -5.96
CA LYS A 26 1.46 -1.03 -6.04
C LYS A 26 0.12 -1.02 -5.28
N CYS A 27 -0.19 0.08 -4.66
CA CYS A 27 -1.47 0.17 -3.91
C CYS A 27 -2.61 0.39 -4.90
N SER A 28 -3.48 -0.58 -5.06
CA SER A 28 -4.59 -0.44 -6.02
C SER A 28 -5.80 0.21 -5.34
N ARG A 1 -1.52 7.48 7.83
CA ARG A 1 -2.85 7.04 7.33
C ARG A 1 -2.69 6.14 6.11
N CYS A 2 -3.46 5.08 6.04
CA CYS A 2 -3.37 4.16 4.88
C CYS A 2 -3.22 4.94 3.57
N LEU A 3 -2.52 4.40 2.62
CA LEU A 3 -2.32 5.12 1.33
C LEU A 3 -3.34 4.64 0.29
N PRO A 4 -3.90 5.59 -0.41
CA PRO A 4 -4.90 5.27 -1.46
C PRO A 4 -4.20 4.70 -2.69
N SER A 5 -4.87 3.83 -3.41
CA SER A 5 -4.24 3.24 -4.62
C SER A 5 -3.43 4.30 -5.38
N GLY A 6 -2.54 3.88 -6.24
CA GLY A 6 -1.73 4.87 -6.99
C GLY A 6 -0.45 5.19 -6.21
N LYS A 7 -0.14 4.40 -5.22
CA LYS A 7 1.09 4.66 -4.42
C LYS A 7 1.97 3.40 -4.40
N ALA A 8 3.22 3.54 -4.06
CA ALA A 8 4.12 2.35 -4.03
C ALA A 8 4.15 1.71 -2.64
N CYS A 9 3.39 0.67 -2.44
CA CYS A 9 3.42 0.00 -1.11
C CYS A 9 4.56 -1.03 -1.10
N ALA A 10 5.69 -0.64 -0.60
CA ALA A 10 6.86 -1.56 -0.59
C ALA A 10 7.13 -2.05 0.84
N GLY A 11 6.24 -2.85 1.36
CA GLY A 11 6.46 -3.37 2.74
C GLY A 11 5.12 -3.81 3.33
N VAL A 12 4.51 -4.81 2.77
CA VAL A 12 3.20 -5.31 3.30
C VAL A 12 3.19 -5.20 4.84
N THR A 13 4.33 -5.39 5.45
CA THR A 13 4.40 -5.28 6.93
C THR A 13 4.70 -3.82 7.30
N GLN A 14 4.05 -2.90 6.66
CA GLN A 14 4.29 -1.46 6.95
C GLN A 14 3.31 -0.97 8.02
N LYS A 15 3.66 0.05 8.75
CA LYS A 15 2.74 0.57 9.80
C LYS A 15 1.50 1.13 9.12
N ILE A 16 1.67 1.73 7.98
CA ILE A 16 0.51 2.30 7.23
C ILE A 16 0.50 1.72 5.81
N PRO A 17 -0.06 0.55 5.70
CA PRO A 17 -0.14 -0.13 4.39
C PRO A 17 -1.19 0.50 3.50
N CYS A 18 -1.33 -0.01 2.30
CA CYS A 18 -2.33 0.53 1.34
C CYS A 18 -3.75 0.38 1.91
N CYS A 19 -4.43 1.48 2.08
CA CYS A 19 -5.83 1.43 2.61
C CYS A 19 -6.55 0.32 1.88
N GLY A 20 -6.21 0.16 0.65
CA GLY A 20 -6.78 -0.94 -0.16
C GLY A 20 -5.89 -2.14 0.08
N SER A 21 -5.11 -2.52 -0.89
CA SER A 21 -4.19 -3.65 -0.65
C SER A 21 -2.85 -3.39 -1.35
N CYS A 22 -1.86 -4.20 -1.10
CA CYS A 22 -0.55 -3.97 -1.76
C CYS A 22 -0.30 -5.05 -2.81
N VAL A 23 -0.63 -4.78 -4.05
CA VAL A 23 -0.40 -5.81 -5.11
C VAL A 23 0.51 -5.23 -6.19
N ARG A 24 1.42 -6.02 -6.66
CA ARG A 24 2.37 -5.55 -7.71
C ARG A 24 3.20 -4.38 -7.19
N GLY A 25 3.50 -4.43 -5.93
CA GLY A 25 4.31 -3.36 -5.31
C GLY A 25 3.57 -2.03 -5.40
N LYS A 26 2.30 -2.08 -5.63
CA LYS A 26 1.53 -0.81 -5.73
C LYS A 26 0.16 -0.93 -5.06
N CYS A 27 -0.18 0.03 -4.24
CA CYS A 27 -1.52 0.01 -3.57
C CYS A 27 -2.63 -0.02 -4.61
N SER A 28 -3.44 -1.03 -4.59
CA SER A 28 -4.54 -1.13 -5.59
C SER A 28 -5.88 -0.79 -4.92
N ARG A 1 -2.96 6.04 9.17
CA ARG A 1 -3.61 6.33 7.86
C ARG A 1 -3.42 5.15 6.91
N CYS A 2 -3.38 5.41 5.63
CA CYS A 2 -3.20 4.30 4.65
C CYS A 2 -2.76 4.84 3.30
N LEU A 3 -1.84 4.17 2.66
CA LEU A 3 -1.36 4.64 1.34
C LEU A 3 -2.53 4.69 0.35
N PRO A 4 -2.73 5.84 -0.22
CA PRO A 4 -3.83 6.03 -1.19
C PRO A 4 -3.49 5.28 -2.49
N SER A 5 -4.37 4.42 -2.93
CA SER A 5 -4.10 3.65 -4.17
C SER A 5 -3.41 4.53 -5.21
N GLY A 6 -2.70 3.93 -6.13
CA GLY A 6 -1.98 4.73 -7.15
C GLY A 6 -0.58 5.05 -6.63
N LYS A 7 -0.16 4.35 -5.61
CA LYS A 7 1.20 4.60 -5.04
C LYS A 7 1.95 3.28 -4.88
N ALA A 8 3.22 3.32 -4.59
CA ALA A 8 3.98 2.05 -4.44
C ALA A 8 3.98 1.58 -2.99
N CYS A 9 3.34 0.48 -2.71
CA CYS A 9 3.33 -0.04 -1.31
C CYS A 9 4.48 -1.02 -1.13
N ALA A 10 5.62 -0.54 -0.71
CA ALA A 10 6.79 -1.43 -0.52
C ALA A 10 7.08 -1.58 0.97
N GLY A 11 6.15 -2.12 1.69
CA GLY A 11 6.35 -2.30 3.15
C GLY A 11 5.20 -3.12 3.71
N VAL A 12 5.11 -4.37 3.33
CA VAL A 12 4.01 -5.21 3.87
C VAL A 12 3.97 -5.10 5.39
N THR A 13 5.11 -4.91 6.01
CA THR A 13 5.17 -4.79 7.49
C THR A 13 5.02 -3.33 7.91
N GLN A 14 5.29 -2.41 7.02
CA GLN A 14 5.16 -0.95 7.35
C GLN A 14 3.95 -0.73 8.27
N LYS A 15 3.95 0.36 9.01
CA LYS A 15 2.80 0.62 9.92
C LYS A 15 1.57 1.04 9.14
N ILE A 16 1.76 1.76 8.08
CA ILE A 16 0.59 2.21 7.25
C ILE A 16 0.43 1.31 6.02
N PRO A 17 -0.53 0.42 6.10
CA PRO A 17 -0.78 -0.52 4.97
C PRO A 17 -1.51 0.20 3.83
N CYS A 18 -1.61 -0.44 2.69
CA CYS A 18 -2.30 0.20 1.54
C CYS A 18 -3.80 0.31 1.85
N CYS A 19 -4.31 1.51 1.93
CA CYS A 19 -5.76 1.73 2.22
C CYS A 19 -6.54 0.73 1.40
N GLY A 20 -6.02 0.44 0.25
CA GLY A 20 -6.66 -0.57 -0.63
C GLY A 20 -5.91 -1.87 -0.39
N SER A 21 -5.18 -2.34 -1.36
CA SER A 21 -4.40 -3.58 -1.13
C SER A 21 -3.05 -3.47 -1.84
N CYS A 22 -2.01 -3.97 -1.23
CA CYS A 22 -0.66 -3.90 -1.87
C CYS A 22 -0.51 -5.01 -2.92
N VAL A 23 -1.03 -4.79 -4.09
CA VAL A 23 -0.93 -5.83 -5.15
C VAL A 23 0.03 -5.39 -6.26
N ARG A 24 0.92 -6.25 -6.65
CA ARG A 24 1.89 -5.90 -7.73
C ARG A 24 2.77 -4.75 -7.26
N GLY A 25 3.04 -4.73 -5.99
CA GLY A 25 3.88 -3.65 -5.43
C GLY A 25 3.17 -2.33 -5.61
N LYS A 26 1.87 -2.37 -5.73
CA LYS A 26 1.12 -1.12 -5.91
C LYS A 26 -0.16 -1.13 -5.09
N CYS A 27 -0.49 -0.02 -4.47
CA CYS A 27 -1.73 0.04 -3.65
C CYS A 27 -2.96 0.00 -4.56
N SER A 28 -3.35 -1.16 -5.00
CA SER A 28 -4.53 -1.28 -5.91
C SER A 28 -4.46 -0.19 -6.99
N ARG A 1 -1.85 6.67 8.42
CA ARG A 1 -3.26 6.40 8.04
C ARG A 1 -3.33 5.22 7.05
N CYS A 2 -2.99 5.44 5.81
CA CYS A 2 -3.02 4.33 4.81
C CYS A 2 -2.69 4.88 3.42
N LEU A 3 -2.02 4.12 2.60
CA LEU A 3 -1.65 4.62 1.24
C LEU A 3 -2.79 4.36 0.23
N PRO A 4 -3.25 5.43 -0.37
CA PRO A 4 -4.35 5.31 -1.36
C PRO A 4 -3.84 4.71 -2.68
N SER A 5 -4.66 3.92 -3.32
CA SER A 5 -4.24 3.30 -4.61
C SER A 5 -3.45 4.31 -5.46
N GLY A 6 -2.58 3.82 -6.32
CA GLY A 6 -1.78 4.74 -7.18
C GLY A 6 -0.47 5.10 -6.50
N LYS A 7 0.02 4.26 -5.62
CA LYS A 7 1.31 4.56 -4.94
C LYS A 7 1.92 3.28 -4.37
N ALA A 8 3.22 3.20 -4.32
CA ALA A 8 3.88 1.97 -3.79
C ALA A 8 3.19 1.52 -2.50
N CYS A 9 2.77 0.29 -2.45
CA CYS A 9 2.08 -0.21 -1.22
C CYS A 9 3.08 -0.98 -0.34
N ALA A 10 3.84 -0.29 0.45
CA ALA A 10 4.83 -1.01 1.31
C ALA A 10 4.20 -1.32 2.67
N GLY A 11 3.15 -2.08 2.66
CA GLY A 11 2.46 -2.44 3.94
C GLY A 11 3.10 -3.69 4.53
N VAL A 12 3.93 -4.35 3.77
CA VAL A 12 4.59 -5.58 4.28
C VAL A 12 5.81 -5.22 5.13
N THR A 13 6.15 -3.96 5.18
CA THR A 13 7.34 -3.54 5.98
C THR A 13 7.04 -2.28 6.78
N GLN A 14 6.19 -1.42 6.28
CA GLN A 14 5.87 -0.17 7.02
C GLN A 14 4.83 -0.44 8.11
N LYS A 15 4.45 0.57 8.84
CA LYS A 15 3.46 0.37 9.94
C LYS A 15 2.04 0.27 9.39
N ILE A 16 1.72 0.99 8.37
CA ILE A 16 0.33 0.92 7.81
C ILE A 16 0.36 0.46 6.35
N PRO A 17 -0.55 -0.43 6.03
CA PRO A 17 -0.65 -0.95 4.65
C PRO A 17 -1.33 0.06 3.73
N CYS A 18 -1.62 -0.34 2.53
CA CYS A 18 -2.26 0.60 1.58
C CYS A 18 -3.76 0.72 1.86
N CYS A 19 -4.21 1.93 2.00
CA CYS A 19 -5.66 2.17 2.26
C CYS A 19 -6.45 1.32 1.31
N GLY A 20 -5.90 1.11 0.16
CA GLY A 20 -6.56 0.24 -0.83
C GLY A 20 -5.98 -1.14 -0.61
N SER A 21 -5.24 -1.65 -1.55
CA SER A 21 -4.61 -2.97 -1.34
C SER A 21 -3.22 -2.97 -1.96
N CYS A 22 -2.37 -3.88 -1.60
CA CYS A 22 -1.00 -3.91 -2.20
C CYS A 22 -0.94 -5.00 -3.27
N VAL A 23 -0.73 -4.61 -4.50
CA VAL A 23 -0.67 -5.63 -5.59
C VAL A 23 0.47 -5.31 -6.55
N ARG A 24 1.35 -6.25 -6.75
CA ARG A 24 2.51 -6.05 -7.66
C ARG A 24 3.41 -4.94 -7.12
N GLY A 25 3.46 -4.85 -5.83
CA GLY A 25 4.31 -3.81 -5.18
C GLY A 25 3.71 -2.45 -5.46
N LYS A 26 2.49 -2.42 -5.91
CA LYS A 26 1.85 -1.11 -6.21
C LYS A 26 0.38 -1.13 -5.78
N CYS A 27 -0.02 -0.17 -4.98
CA CYS A 27 -1.43 -0.13 -4.52
C CYS A 27 -2.38 -0.33 -5.71
N SER A 28 -3.26 -1.30 -5.62
CA SER A 28 -4.21 -1.55 -6.73
C SER A 28 -5.12 -0.33 -6.94
N ARG A 1 -3.19 7.21 7.44
CA ARG A 1 -3.27 5.85 8.04
C ARG A 1 -3.23 4.78 6.94
N CYS A 2 -3.53 5.15 5.72
CA CYS A 2 -3.50 4.17 4.61
C CYS A 2 -3.11 4.85 3.30
N LEU A 3 -2.38 4.16 2.47
CA LEU A 3 -1.95 4.75 1.18
C LEU A 3 -3.05 4.60 0.13
N PRO A 4 -3.30 5.67 -0.58
CA PRO A 4 -4.33 5.66 -1.63
C PRO A 4 -3.75 5.06 -2.92
N SER A 5 -4.54 4.32 -3.66
CA SER A 5 -4.03 3.70 -4.93
C SER A 5 -3.08 4.66 -5.64
N GLY A 6 -2.14 4.15 -6.37
CA GLY A 6 -1.18 5.04 -7.08
C GLY A 6 0.03 5.29 -6.17
N LYS A 7 0.17 4.50 -5.14
CA LYS A 7 1.33 4.68 -4.21
C LYS A 7 2.16 3.40 -4.16
N ALA A 8 3.29 3.43 -3.51
CA ALA A 8 4.14 2.20 -3.42
C ALA A 8 3.79 1.41 -2.16
N CYS A 9 4.05 0.13 -2.18
CA CYS A 9 3.76 -0.72 -0.99
C CYS A 9 4.56 -2.02 -1.09
N ALA A 10 5.84 -1.95 -0.87
CA ALA A 10 6.68 -3.17 -0.95
C ALA A 10 7.36 -3.44 0.39
N GLY A 11 6.61 -3.89 1.35
CA GLY A 11 7.21 -4.19 2.68
C GLY A 11 6.23 -4.98 3.53
N VAL A 12 5.00 -4.52 3.60
CA VAL A 12 3.95 -5.22 4.42
C VAL A 12 4.07 -4.82 5.89
N THR A 13 5.25 -4.54 6.35
CA THR A 13 5.41 -4.15 7.79
C THR A 13 5.30 -2.64 7.92
N GLN A 14 5.35 -1.92 6.82
CA GLN A 14 5.24 -0.44 6.87
C GLN A 14 4.16 -0.05 7.88
N LYS A 15 4.17 1.17 8.35
CA LYS A 15 3.14 1.59 9.34
C LYS A 15 1.83 1.93 8.64
N ILE A 16 1.87 2.19 7.36
CA ILE A 16 0.62 2.53 6.63
C ILE A 16 0.36 1.52 5.51
N PRO A 17 -0.55 0.63 5.78
CA PRO A 17 -0.92 -0.41 4.78
C PRO A 17 -1.82 0.19 3.70
N CYS A 18 -2.01 -0.52 2.61
CA CYS A 18 -2.88 0.02 1.52
C CYS A 18 -4.32 0.15 2.03
N CYS A 19 -4.85 1.35 2.00
CA CYS A 19 -6.26 1.56 2.45
C CYS A 19 -7.10 0.46 1.87
N GLY A 20 -6.69 -0.01 0.73
CA GLY A 20 -7.39 -1.13 0.06
C GLY A 20 -6.48 -2.34 0.17
N SER A 21 -5.86 -2.73 -0.91
CA SER A 21 -4.92 -3.87 -0.83
C SER A 21 -3.71 -3.60 -1.72
N CYS A 22 -2.52 -3.88 -1.27
CA CYS A 22 -1.33 -3.61 -2.11
C CYS A 22 -1.13 -4.70 -3.17
N VAL A 23 -1.03 -4.31 -4.41
CA VAL A 23 -0.83 -5.31 -5.50
C VAL A 23 0.21 -4.78 -6.50
N ARG A 24 1.09 -5.63 -6.93
CA ARG A 24 2.15 -5.22 -7.90
C ARG A 24 3.03 -4.11 -7.30
N GLY A 25 3.22 -4.18 -6.03
CA GLY A 25 4.09 -3.18 -5.34
C GLY A 25 3.42 -1.82 -5.35
N LYS A 26 2.21 -1.74 -5.83
CA LYS A 26 1.52 -0.43 -5.86
C LYS A 26 0.12 -0.52 -5.23
N CYS A 27 -0.14 0.32 -4.26
CA CYS A 27 -1.47 0.32 -3.59
C CYS A 27 -2.58 0.17 -4.64
N SER A 28 -3.41 -0.82 -4.50
CA SER A 28 -4.51 -1.04 -5.48
C SER A 28 -5.24 0.28 -5.76
N ARG A 1 -3.13 5.30 9.33
CA ARG A 1 -3.63 5.87 8.05
C ARG A 1 -3.71 4.79 6.97
N CYS A 2 -3.84 5.17 5.73
CA CYS A 2 -3.93 4.16 4.64
C CYS A 2 -3.55 4.79 3.30
N LEU A 3 -3.01 4.02 2.40
CA LEU A 3 -2.60 4.60 1.08
C LEU A 3 -3.44 4.05 -0.07
N PRO A 4 -4.39 4.83 -0.50
CA PRO A 4 -5.24 4.44 -1.65
C PRO A 4 -4.71 5.12 -2.92
N SER A 5 -3.49 5.58 -2.89
CA SER A 5 -2.93 6.29 -4.07
C SER A 5 -2.15 5.35 -5.00
N GLY A 6 -2.24 4.06 -4.80
CA GLY A 6 -1.46 3.15 -5.68
C GLY A 6 0.02 3.36 -5.36
N LYS A 7 0.31 3.88 -4.20
CA LYS A 7 1.74 4.10 -3.83
C LYS A 7 2.47 2.77 -3.85
N ALA A 8 3.70 2.77 -4.23
CA ALA A 8 4.44 1.48 -4.27
C ALA A 8 4.48 0.85 -2.88
N CYS A 9 3.66 -0.15 -2.66
CA CYS A 9 3.63 -0.81 -1.32
C CYS A 9 4.68 -1.92 -1.26
N ALA A 10 5.88 -1.60 -0.88
CA ALA A 10 6.94 -2.63 -0.78
C ALA A 10 7.44 -2.76 0.66
N GLY A 11 6.58 -3.16 1.54
CA GLY A 11 6.99 -3.30 2.98
C GLY A 11 5.77 -3.71 3.80
N VAL A 12 5.28 -4.91 3.61
CA VAL A 12 4.10 -5.37 4.39
C VAL A 12 4.21 -4.91 5.84
N THR A 13 5.40 -4.79 6.34
CA THR A 13 5.56 -4.34 7.76
C THR A 13 5.62 -2.82 7.82
N GLN A 14 4.84 -2.16 7.02
CA GLN A 14 4.84 -0.66 7.03
C GLN A 14 3.82 -0.14 8.04
N LYS A 15 4.11 0.96 8.68
CA LYS A 15 3.14 1.52 9.67
C LYS A 15 1.89 2.02 8.94
N ILE A 16 2.02 2.36 7.69
CA ILE A 16 0.85 2.85 6.92
C ILE A 16 0.44 1.81 5.87
N PRO A 17 -0.56 1.04 6.21
CA PRO A 17 -1.05 -0.01 5.29
C PRO A 17 -1.79 0.59 4.09
N CYS A 18 -2.03 -0.20 3.10
CA CYS A 18 -2.74 0.30 1.89
C CYS A 18 -4.24 0.46 2.16
N CYS A 19 -4.77 1.60 1.86
CA CYS A 19 -6.23 1.81 2.07
C CYS A 19 -6.95 0.76 1.24
N GLY A 20 -6.31 0.38 0.17
CA GLY A 20 -6.87 -0.69 -0.69
C GLY A 20 -6.03 -1.93 -0.45
N SER A 21 -5.30 -2.38 -1.42
CA SER A 21 -4.44 -3.57 -1.18
C SER A 21 -3.11 -3.44 -1.92
N CYS A 22 -2.10 -4.14 -1.47
CA CYS A 22 -0.78 -4.06 -2.14
C CYS A 22 -0.75 -5.01 -3.35
N VAL A 23 -1.10 -4.52 -4.51
CA VAL A 23 -1.10 -5.41 -5.71
C VAL A 23 -0.22 -4.84 -6.82
N ARG A 24 0.62 -5.68 -7.38
CA ARG A 24 1.53 -5.24 -8.47
C ARG A 24 2.48 -4.17 -7.98
N GLY A 25 2.87 -4.28 -6.75
CA GLY A 25 3.80 -3.29 -6.17
C GLY A 25 3.11 -1.93 -6.17
N LYS A 26 1.81 -1.93 -6.25
CA LYS A 26 1.06 -0.65 -6.27
C LYS A 26 -0.04 -0.68 -5.21
N CYS A 27 -0.21 0.40 -4.51
CA CYS A 27 -1.27 0.45 -3.45
C CYS A 27 -2.66 0.57 -4.08
N SER A 28 -3.20 -0.52 -4.58
CA SER A 28 -4.55 -0.46 -5.20
C SER A 28 -4.51 0.39 -6.48
N ARG A 1 -1.68 6.14 8.00
CA ARG A 1 -2.94 6.66 7.41
C ARG A 1 -3.25 5.94 6.09
N CYS A 2 -2.83 4.70 5.98
CA CYS A 2 -3.06 3.88 4.74
C CYS A 2 -2.73 4.65 3.46
N LEU A 3 -2.15 3.97 2.51
CA LEU A 3 -1.77 4.64 1.23
C LEU A 3 -2.90 4.54 0.21
N PRO A 4 -3.11 5.62 -0.50
CA PRO A 4 -4.17 5.66 -1.53
C PRO A 4 -3.67 5.02 -2.83
N SER A 5 -4.54 4.31 -3.51
CA SER A 5 -4.12 3.66 -4.79
C SER A 5 -3.27 4.61 -5.63
N GLY A 6 -2.38 4.09 -6.42
CA GLY A 6 -1.52 4.97 -7.28
C GLY A 6 -0.25 5.33 -6.53
N LYS A 7 0.19 4.50 -5.63
CA LYS A 7 1.43 4.79 -4.85
C LYS A 7 2.14 3.49 -4.52
N ALA A 8 3.21 3.57 -3.77
CA ALA A 8 3.94 2.33 -3.39
C ALA A 8 3.37 1.78 -2.08
N CYS A 9 2.71 0.66 -2.14
CA CYS A 9 2.12 0.09 -0.90
C CYS A 9 3.09 -0.88 -0.22
N ALA A 10 3.97 -0.37 0.59
CA ALA A 10 4.93 -1.27 1.29
C ALA A 10 4.32 -1.73 2.61
N GLY A 11 3.16 -2.30 2.55
CA GLY A 11 2.47 -2.77 3.78
C GLY A 11 3.10 -4.08 4.27
N VAL A 12 4.13 -4.53 3.60
CA VAL A 12 4.79 -5.79 4.03
C VAL A 12 5.90 -5.49 5.04
N THR A 13 6.40 -4.29 5.04
CA THR A 13 7.49 -3.93 6.00
C THR A 13 7.32 -2.49 6.52
N GLN A 14 6.28 -1.81 6.13
CA GLN A 14 6.08 -0.41 6.60
C GLN A 14 5.08 -0.37 7.75
N LYS A 15 4.62 0.81 8.09
CA LYS A 15 3.65 0.95 9.21
C LYS A 15 2.25 0.53 8.78
N ILE A 16 1.79 1.02 7.67
CA ILE A 16 0.42 0.66 7.21
C ILE A 16 0.41 0.29 5.72
N PRO A 17 -0.36 -0.71 5.40
CA PRO A 17 -0.46 -1.20 4.00
C PRO A 17 -1.37 -0.31 3.15
N CYS A 18 -1.75 -0.81 2.00
CA CYS A 18 -2.61 -0.04 1.07
C CYS A 18 -4.03 0.13 1.64
N CYS A 19 -4.46 1.35 1.78
CA CYS A 19 -5.83 1.63 2.28
C CYS A 19 -6.78 0.71 1.53
N GLY A 20 -6.46 0.50 0.29
CA GLY A 20 -7.28 -0.40 -0.55
C GLY A 20 -6.65 -1.77 -0.47
N SER A 21 -5.95 -2.18 -1.47
CA SER A 21 -5.27 -3.50 -1.40
C SER A 21 -3.91 -3.39 -2.08
N CYS A 22 -2.85 -3.70 -1.38
CA CYS A 22 -1.50 -3.58 -2.01
C CYS A 22 -1.22 -4.75 -2.95
N VAL A 23 -0.97 -4.46 -4.19
CA VAL A 23 -0.65 -5.57 -5.16
C VAL A 23 0.57 -5.20 -5.99
N ARG A 24 1.46 -6.13 -6.15
CA ARG A 24 2.69 -5.87 -6.94
C ARG A 24 3.48 -4.71 -6.35
N GLY A 25 3.43 -4.58 -5.07
CA GLY A 25 4.16 -3.49 -4.38
C GLY A 25 3.59 -2.16 -4.81
N LYS A 26 2.35 -2.15 -5.20
CA LYS A 26 1.72 -0.88 -5.63
C LYS A 26 0.28 -0.80 -5.10
N CYS A 27 -0.03 0.23 -4.36
CA CYS A 27 -1.40 0.37 -3.80
C CYS A 27 -2.43 0.24 -4.93
N SER A 28 -3.14 -0.85 -4.97
CA SER A 28 -4.15 -1.04 -6.04
C SER A 28 -3.57 -0.70 -7.41
N ARG A 1 -4.34 6.35 8.19
CA ARG A 1 -3.10 5.53 8.24
C ARG A 1 -3.04 4.58 7.03
N CYS A 2 -3.61 4.96 5.93
CA CYS A 2 -3.57 4.08 4.73
C CYS A 2 -3.26 4.89 3.48
N LEU A 3 -2.53 4.31 2.56
CA LEU A 3 -2.16 5.05 1.33
C LEU A 3 -3.26 4.90 0.26
N PRO A 4 -3.50 5.96 -0.45
CA PRO A 4 -4.53 5.94 -1.51
C PRO A 4 -3.98 5.17 -2.73
N SER A 5 -4.72 4.19 -3.18
CA SER A 5 -4.24 3.39 -4.35
C SER A 5 -3.58 4.29 -5.40
N GLY A 6 -2.75 3.73 -6.24
CA GLY A 6 -2.07 4.55 -7.27
C GLY A 6 -0.74 5.05 -6.72
N LYS A 7 -0.18 4.37 -5.75
CA LYS A 7 1.12 4.81 -5.16
C LYS A 7 1.89 3.60 -4.62
N ALA A 8 3.19 3.70 -4.56
CA ALA A 8 4.01 2.57 -4.05
C ALA A 8 3.99 2.54 -2.52
N CYS A 9 3.96 1.36 -1.96
CA CYS A 9 3.94 1.25 -0.48
C CYS A 9 5.13 0.39 -0.02
N ALA A 10 4.92 -0.87 0.09
CA ALA A 10 5.97 -1.80 0.54
C ALA A 10 5.58 -3.22 0.16
N GLY A 11 5.76 -4.09 1.06
CA GLY A 11 5.39 -5.52 0.82
C GLY A 11 4.07 -5.82 1.54
N VAL A 12 4.10 -5.92 2.83
CA VAL A 12 2.85 -6.20 3.59
C VAL A 12 2.91 -5.57 4.98
N THR A 13 4.07 -5.62 5.60
CA THR A 13 4.20 -5.02 6.95
C THR A 13 4.93 -3.68 6.87
N GLN A 14 4.22 -2.63 6.57
CA GLN A 14 4.87 -1.29 6.47
C GLN A 14 4.27 -0.34 7.51
N LYS A 15 4.80 0.85 7.62
CA LYS A 15 4.27 1.81 8.61
C LYS A 15 2.86 2.23 8.20
N ILE A 16 2.56 2.18 6.93
CA ILE A 16 1.20 2.56 6.45
C ILE A 16 0.76 1.61 5.33
N PRO A 17 -0.17 0.75 5.67
CA PRO A 17 -0.68 -0.24 4.69
C PRO A 17 -1.54 0.42 3.61
N CYS A 18 -1.67 -0.21 2.49
CA CYS A 18 -2.50 0.36 1.38
C CYS A 18 -3.98 0.33 1.78
N CYS A 19 -4.59 1.48 1.82
CA CYS A 19 -6.03 1.58 2.19
C CYS A 19 -6.77 0.50 1.42
N GLY A 20 -6.30 0.25 0.25
CA GLY A 20 -6.90 -0.82 -0.59
C GLY A 20 -6.07 -2.07 -0.33
N SER A 21 -5.25 -2.43 -1.27
CA SER A 21 -4.37 -3.61 -1.04
C SER A 21 -2.99 -3.34 -1.65
N CYS A 22 -1.97 -3.30 -0.84
CA CYS A 22 -0.60 -3.04 -1.37
C CYS A 22 -0.02 -4.30 -2.00
N VAL A 23 -0.38 -4.57 -3.23
CA VAL A 23 0.15 -5.80 -3.90
C VAL A 23 1.18 -5.40 -4.95
N ARG A 24 2.20 -6.18 -5.11
CA ARG A 24 3.26 -5.87 -6.11
C ARG A 24 3.89 -4.52 -5.79
N GLY A 25 4.04 -4.26 -4.52
CA GLY A 25 4.65 -2.97 -4.08
C GLY A 25 3.78 -1.84 -4.58
N LYS A 26 2.52 -2.10 -4.78
CA LYS A 26 1.63 -1.03 -5.27
C LYS A 26 0.26 -1.09 -4.57
N CYS A 27 -0.30 0.05 -4.25
CA CYS A 27 -1.63 0.09 -3.59
C CYS A 27 -2.73 -0.01 -4.66
N SER A 28 -3.14 -1.21 -4.99
CA SER A 28 -4.20 -1.37 -6.03
C SER A 28 -5.50 -0.71 -5.58
N ARG A 1 -2.12 6.81 7.97
CA ARG A 1 -3.48 6.44 7.48
C ARG A 1 -3.41 5.23 6.55
N CYS A 2 -2.94 5.42 5.35
CA CYS A 2 -2.85 4.28 4.39
C CYS A 2 -2.39 4.78 3.03
N LEU A 3 -1.53 4.05 2.38
CA LEU A 3 -1.06 4.49 1.04
C LEU A 3 -2.23 4.56 0.08
N PRO A 4 -2.47 5.73 -0.43
CA PRO A 4 -3.58 5.93 -1.38
C PRO A 4 -3.29 5.21 -2.69
N SER A 5 -4.20 4.37 -3.13
CA SER A 5 -3.96 3.62 -4.39
C SER A 5 -3.29 4.51 -5.43
N GLY A 6 -2.55 3.93 -6.33
CA GLY A 6 -1.84 4.76 -7.36
C GLY A 6 -0.46 5.12 -6.81
N LYS A 7 0.01 4.40 -5.83
CA LYS A 7 1.35 4.70 -5.25
C LYS A 7 1.94 3.44 -4.61
N ALA A 8 3.24 3.31 -4.62
CA ALA A 8 3.87 2.10 -4.02
C ALA A 8 3.21 1.75 -2.68
N CYS A 9 3.36 0.53 -2.24
CA CYS A 9 2.73 0.12 -0.96
C CYS A 9 3.61 -0.91 -0.25
N ALA A 10 4.76 -0.51 0.23
CA ALA A 10 5.64 -1.48 0.93
C ALA A 10 5.26 -1.56 2.40
N GLY A 11 4.04 -1.93 2.67
CA GLY A 11 3.57 -2.03 4.08
C GLY A 11 3.93 -3.40 4.64
N VAL A 12 4.43 -4.28 3.84
CA VAL A 12 4.81 -5.61 4.36
C VAL A 12 5.78 -5.42 5.53
N THR A 13 6.39 -4.26 5.59
CA THR A 13 7.34 -3.96 6.71
C THR A 13 6.90 -2.67 7.43
N GLN A 14 6.00 -1.93 6.84
CA GLN A 14 5.52 -0.67 7.48
C GLN A 14 4.19 -0.95 8.23
N LYS A 15 3.78 -0.05 9.09
CA LYS A 15 2.54 -0.29 9.88
C LYS A 15 1.27 0.08 9.11
N ILE A 16 1.32 1.11 8.31
CA ILE A 16 0.10 1.53 7.55
C ILE A 16 0.18 1.06 6.09
N PRO A 17 -0.45 -0.06 5.84
CA PRO A 17 -0.46 -0.67 4.48
C PRO A 17 -1.32 0.14 3.49
N CYS A 18 -1.44 -0.37 2.30
CA CYS A 18 -2.26 0.33 1.25
C CYS A 18 -3.73 0.41 1.68
N CYS A 19 -4.22 1.61 1.78
CA CYS A 19 -5.65 1.83 2.19
C CYS A 19 -6.51 0.82 1.46
N GLY A 20 -6.10 0.53 0.27
CA GLY A 20 -6.82 -0.48 -0.53
C GLY A 20 -6.08 -1.79 -0.31
N SER A 21 -5.45 -2.29 -1.32
CA SER A 21 -4.66 -3.53 -1.12
C SER A 21 -3.38 -3.45 -1.93
N CYS A 22 -2.27 -3.76 -1.35
CA CYS A 22 -0.98 -3.68 -2.10
C CYS A 22 -0.83 -4.89 -3.03
N VAL A 23 -0.74 -4.65 -4.30
CA VAL A 23 -0.58 -5.78 -5.26
C VAL A 23 0.40 -5.36 -6.34
N ARG A 24 0.97 -6.30 -7.05
CA ARG A 24 1.95 -5.96 -8.12
C ARG A 24 2.82 -4.77 -7.73
N GLY A 25 3.07 -4.63 -6.46
CA GLY A 25 3.98 -3.55 -5.98
C GLY A 25 3.22 -2.24 -5.74
N LYS A 26 2.11 -2.02 -6.38
CA LYS A 26 1.41 -0.73 -6.18
C LYS A 26 0.06 -0.89 -5.44
N CYS A 27 -0.30 0.09 -4.65
CA CYS A 27 -1.59 0.04 -3.92
C CYS A 27 -2.76 0.12 -4.90
N SER A 28 -3.39 -0.99 -5.16
CA SER A 28 -4.54 -0.99 -6.12
C SER A 28 -5.86 -0.71 -5.38
N ARG A 1 -3.12 7.97 7.15
CA ARG A 1 -3.73 6.64 7.37
C ARG A 1 -3.37 5.68 6.23
N CYS A 2 -4.11 4.62 6.07
CA CYS A 2 -3.82 3.64 4.98
C CYS A 2 -3.31 4.35 3.73
N LEU A 3 -2.45 3.70 2.99
CA LEU A 3 -1.90 4.34 1.77
C LEU A 3 -2.88 4.23 0.60
N PRO A 4 -3.22 5.37 0.05
CA PRO A 4 -4.17 5.41 -1.09
C PRO A 4 -3.46 4.97 -2.37
N SER A 5 -4.14 4.28 -3.23
CA SER A 5 -3.53 3.82 -4.50
C SER A 5 -2.61 4.90 -5.09
N GLY A 6 -1.77 4.54 -6.02
CA GLY A 6 -0.86 5.54 -6.63
C GLY A 6 0.47 5.59 -5.86
N LYS A 7 0.72 4.63 -5.00
CA LYS A 7 2.01 4.65 -4.24
C LYS A 7 2.46 3.22 -3.97
N ALA A 8 3.71 3.00 -3.71
CA ALA A 8 4.15 1.60 -3.45
C ALA A 8 3.19 0.92 -2.46
N CYS A 9 3.30 -0.36 -2.30
CA CYS A 9 2.37 -1.06 -1.36
C CYS A 9 3.11 -2.05 -0.47
N ALA A 10 3.97 -1.58 0.38
CA ALA A 10 4.70 -2.51 1.30
C ALA A 10 3.85 -2.74 2.55
N GLY A 11 2.66 -3.24 2.37
CA GLY A 11 1.74 -3.48 3.52
C GLY A 11 2.28 -4.63 4.38
N VAL A 12 3.18 -4.34 5.27
CA VAL A 12 3.76 -5.39 6.15
C VAL A 12 4.88 -4.78 6.99
N THR A 13 5.59 -3.84 6.42
CA THR A 13 6.70 -3.18 7.16
C THR A 13 6.51 -1.65 7.14
N GLN A 14 5.84 -1.15 6.15
CA GLN A 14 5.62 0.33 6.08
C GLN A 14 4.91 0.81 7.35
N LYS A 15 4.75 2.09 7.49
CA LYS A 15 4.07 2.63 8.71
C LYS A 15 2.59 2.25 8.68
N ILE A 16 1.99 2.30 7.51
CA ILE A 16 0.55 1.93 7.40
C ILE A 16 0.36 1.02 6.19
N PRO A 17 -0.54 0.07 6.34
CA PRO A 17 -0.82 -0.90 5.25
C PRO A 17 -1.61 -0.28 4.10
N CYS A 18 -1.44 -0.79 2.90
CA CYS A 18 -2.20 -0.24 1.73
C CYS A 18 -3.70 -0.28 2.01
N CYS A 19 -4.34 0.87 2.03
CA CYS A 19 -5.81 0.92 2.27
C CYS A 19 -6.45 -0.21 1.50
N GLY A 20 -5.87 -0.51 0.40
CA GLY A 20 -6.36 -1.63 -0.43
C GLY A 20 -5.36 -2.75 -0.25
N SER A 21 -4.66 -3.11 -1.29
CA SER A 21 -3.63 -4.17 -1.14
C SER A 21 -2.42 -3.83 -2.00
N CYS A 22 -1.44 -4.66 -2.00
CA CYS A 22 -0.24 -4.39 -2.82
C CYS A 22 -0.33 -5.13 -4.17
N VAL A 23 -0.94 -4.51 -5.14
CA VAL A 23 -1.06 -5.17 -6.47
C VAL A 23 -0.23 -4.42 -7.50
N ARG A 24 0.37 -5.13 -8.40
CA ARG A 24 1.22 -4.47 -9.43
C ARG A 24 2.37 -3.73 -8.78
N GLY A 25 2.88 -4.29 -7.72
CA GLY A 25 4.01 -3.67 -7.00
C GLY A 25 3.58 -2.30 -6.53
N LYS A 26 2.31 -2.07 -6.45
CA LYS A 26 1.82 -0.74 -6.01
C LYS A 26 0.58 -0.87 -5.12
N CYS A 27 0.10 0.24 -4.62
CA CYS A 27 -1.11 0.23 -3.74
C CYS A 27 -2.35 0.29 -4.63
N SER A 28 -3.19 -0.69 -4.54
CA SER A 28 -4.42 -0.73 -5.38
C SER A 28 -4.07 -0.43 -6.84
N ARG A 1 -4.55 6.81 8.00
CA ARG A 1 -3.65 5.67 8.31
C ARG A 1 -3.63 4.67 7.14
N CYS A 2 -3.35 5.14 5.96
CA CYS A 2 -3.32 4.21 4.79
C CYS A 2 -2.84 4.96 3.54
N LEU A 3 -2.14 4.26 2.67
CA LEU A 3 -1.63 4.90 1.42
C LEU A 3 -2.73 4.97 0.36
N PRO A 4 -2.77 6.09 -0.32
CA PRO A 4 -3.78 6.29 -1.38
C PRO A 4 -3.41 5.46 -2.62
N SER A 5 -4.23 4.52 -3.00
CA SER A 5 -3.93 3.69 -4.19
C SER A 5 -3.35 4.55 -5.33
N GLY A 6 -2.84 3.92 -6.35
CA GLY A 6 -2.24 4.69 -7.48
C GLY A 6 -0.76 4.92 -7.22
N LYS A 7 -0.24 4.37 -6.15
CA LYS A 7 1.21 4.55 -5.84
C LYS A 7 1.74 3.32 -5.09
N ALA A 8 3.01 3.06 -5.19
CA ALA A 8 3.59 1.88 -4.48
C ALA A 8 3.51 2.09 -2.98
N CYS A 9 3.49 1.03 -2.24
CA CYS A 9 3.42 1.15 -0.76
C CYS A 9 4.70 0.60 -0.15
N ALA A 10 4.73 -0.68 0.08
CA ALA A 10 5.91 -1.31 0.68
C ALA A 10 5.85 -2.80 0.41
N GLY A 11 6.17 -3.55 1.40
CA GLY A 11 6.15 -5.03 1.30
C GLY A 11 4.95 -5.55 2.09
N VAL A 12 4.98 -5.43 3.38
CA VAL A 12 3.84 -5.90 4.22
C VAL A 12 3.99 -5.40 5.66
N THR A 13 5.20 -5.27 6.13
CA THR A 13 5.42 -4.80 7.54
C THR A 13 5.40 -3.26 7.61
N GLN A 14 4.85 -2.60 6.63
CA GLN A 14 4.82 -1.10 6.69
C GLN A 14 3.88 -0.64 7.82
N LYS A 15 4.19 0.45 8.47
CA LYS A 15 3.30 0.93 9.56
C LYS A 15 1.97 1.39 8.97
N ILE A 16 1.98 1.81 7.75
CA ILE A 16 0.72 2.26 7.10
C ILE A 16 0.42 1.35 5.90
N PRO A 17 -0.56 0.49 6.09
CA PRO A 17 -0.96 -0.45 5.01
C PRO A 17 -1.66 0.28 3.88
N CYS A 18 -1.68 -0.31 2.71
CA CYS A 18 -2.36 0.36 1.56
C CYS A 18 -3.86 0.50 1.84
N CYS A 19 -4.34 1.71 1.82
CA CYS A 19 -5.79 1.95 2.06
C CYS A 19 -6.54 0.96 1.20
N GLY A 20 -5.99 0.69 0.07
CA GLY A 20 -6.59 -0.32 -0.85
C GLY A 20 -5.88 -1.64 -0.57
N SER A 21 -5.06 -2.09 -1.48
CA SER A 21 -4.30 -3.33 -1.21
C SER A 21 -2.89 -3.21 -1.79
N CYS A 22 -1.89 -3.50 -1.00
CA CYS A 22 -0.50 -3.39 -1.51
C CYS A 22 -0.16 -4.61 -2.37
N VAL A 23 -0.61 -4.62 -3.60
CA VAL A 23 -0.34 -5.78 -4.49
C VAL A 23 0.59 -5.39 -5.64
N ARG A 24 1.52 -6.24 -5.95
CA ARG A 24 2.48 -5.96 -7.06
C ARG A 24 3.26 -4.69 -6.76
N GLY A 25 3.56 -4.49 -5.53
CA GLY A 25 4.32 -3.28 -5.13
C GLY A 25 3.46 -2.06 -5.43
N LYS A 26 2.18 -2.24 -5.42
CA LYS A 26 1.27 -1.11 -5.72
C LYS A 26 0.14 -1.06 -4.68
N CYS A 27 -0.40 0.10 -4.44
CA CYS A 27 -1.51 0.20 -3.44
C CYS A 27 -2.86 0.03 -4.12
N SER A 28 -3.09 -1.12 -4.70
CA SER A 28 -4.39 -1.36 -5.38
C SER A 28 -4.36 -2.71 -6.12
N ARG A 1 -4.41 5.88 8.29
CA ARG A 1 -3.42 4.76 8.40
C ARG A 1 -3.41 3.93 7.12
N CYS A 2 -3.36 4.58 5.98
CA CYS A 2 -3.35 3.82 4.69
C CYS A 2 -3.23 4.79 3.52
N LEU A 3 -2.55 4.37 2.49
CA LEU A 3 -2.39 5.26 1.30
C LEU A 3 -3.23 4.75 0.13
N PRO A 4 -3.75 5.67 -0.61
CA PRO A 4 -4.58 5.32 -1.79
C PRO A 4 -3.68 4.81 -2.91
N SER A 5 -4.23 4.07 -3.84
CA SER A 5 -3.40 3.53 -4.96
C SER A 5 -2.43 4.60 -5.48
N GLY A 6 -1.51 4.20 -6.31
CA GLY A 6 -0.53 5.18 -6.87
C GLY A 6 0.70 5.28 -5.97
N LYS A 7 0.79 4.46 -4.96
CA LYS A 7 1.99 4.52 -4.07
C LYS A 7 2.36 3.13 -3.57
N ALA A 8 3.62 2.84 -3.49
CA ALA A 8 4.07 1.51 -3.00
C ALA A 8 3.20 1.02 -1.85
N CYS A 9 2.95 -0.26 -1.79
CA CYS A 9 2.11 -0.80 -0.69
C CYS A 9 2.91 -1.81 0.14
N ALA A 10 3.99 -1.37 0.73
CA ALA A 10 4.81 -2.31 1.54
C ALA A 10 4.28 -2.35 2.97
N GLY A 11 3.05 -2.75 3.12
CA GLY A 11 2.44 -2.83 4.48
C GLY A 11 3.29 -3.75 5.36
N VAL A 12 3.66 -4.88 4.84
CA VAL A 12 4.48 -5.83 5.65
C VAL A 12 5.80 -5.19 6.08
N THR A 13 6.35 -4.31 5.28
CA THR A 13 7.64 -3.67 5.65
C THR A 13 7.47 -2.15 5.84
N GLN A 14 6.31 -1.70 6.24
CA GLN A 14 6.11 -0.23 6.45
C GLN A 14 5.04 0.01 7.51
N LYS A 15 4.80 1.24 7.86
CA LYS A 15 3.78 1.55 8.90
C LYS A 15 2.39 1.72 8.28
N ILE A 16 2.30 2.28 7.10
CA ILE A 16 0.96 2.48 6.47
C ILE A 16 0.81 1.64 5.20
N PRO A 17 -0.04 0.65 5.28
CA PRO A 17 -0.29 -0.24 4.12
C PRO A 17 -1.25 0.41 3.13
N CYS A 18 -1.58 -0.27 2.06
CA CYS A 18 -2.52 0.29 1.05
C CYS A 18 -3.95 0.24 1.57
N CYS A 19 -4.56 1.38 1.73
CA CYS A 19 -5.97 1.43 2.23
C CYS A 19 -6.77 0.45 1.40
N GLY A 20 -6.41 0.34 0.17
CA GLY A 20 -7.08 -0.64 -0.71
C GLY A 20 -6.35 -1.95 -0.50
N SER A 21 -5.64 -2.41 -1.48
CA SER A 21 -4.87 -3.65 -1.27
C SER A 21 -3.52 -3.55 -1.99
N CYS A 22 -2.51 -4.18 -1.47
CA CYS A 22 -1.18 -4.10 -2.13
C CYS A 22 -1.13 -5.06 -3.33
N VAL A 23 -0.88 -4.53 -4.49
CA VAL A 23 -0.81 -5.40 -5.70
C VAL A 23 0.32 -4.94 -6.57
N ARG A 24 0.46 -5.57 -7.71
CA ARG A 24 1.54 -5.26 -8.71
C ARG A 24 2.61 -4.31 -8.16
N GLY A 25 3.05 -4.55 -6.97
CA GLY A 25 4.11 -3.69 -6.36
C GLY A 25 3.54 -2.32 -5.96
N LYS A 26 2.35 -1.97 -6.37
CA LYS A 26 1.81 -0.65 -5.99
C LYS A 26 0.42 -0.78 -5.37
N CYS A 27 0.08 0.12 -4.49
CA CYS A 27 -1.26 0.06 -3.85
C CYS A 27 -2.35 0.27 -4.90
N SER A 28 -3.38 -0.50 -4.82
CA SER A 28 -4.49 -0.40 -5.81
C SER A 28 -5.74 0.19 -5.16
#